data_4TLR
#
_entry.id   4TLR
#
_cell.length_a   59.410
_cell.length_b   68.060
_cell.length_c   143.720
_cell.angle_alpha   90.000
_cell.angle_beta   90.000
_cell.angle_gamma   90.000
#
_symmetry.space_group_name_H-M   'P 21 21 21'
#
loop_
_entity.id
_entity.type
_entity.pdbx_description
1 polymer NS5b
2 non-polymer '3-{(2R,5R)-5-cyclohexyl-2-[(2R)-2-hydroxypropyl]-3-oxomorpholin-4-yl}-5-(3,3-dimethylbut-1-yn-1-yl)thiophene-2-carboxylic acid'
3 non-polymer 5-cyclopropyl-2-(4-fluorophenyl)-6-[(2-hydroxyethyl)(methylsulfonyl)amino]-N-methyl-1-benzofuran-3-carboxamide
4 water water
#
_entity_poly.entity_id   1
_entity_poly.type   'polypeptide(L)'
_entity_poly.pdbx_seq_one_letter_code
;SMSYTWTGALITPCAAEETKLPINALSNSLLRHHNLVYATTSRSASLRQKKVTFDRLQVLDDHYRDVLKEMKAKASTVKA
KLLSVEEACKLTPPHSARSKFGYGAKDVRNLSSKAVNHIRSVWKDLLEDTETPIDTTIMAKNEVFCVQPEKGGRKPARLI
VFPDLGVRVCEKMALYDVVSTLPQAVMGSSYGFQYSPGQRVEFLVNAWKAKKCPMGFAYDTRCFDSTVTENDIRVEESIY
QCCDLAPEARQAIRSLTERLYIGGPLTNSKGQNCGYRRCRASGVLTTSCGNTLTCYLKAAAACRAAKLQDCTMLVCGDDL
VVICESAGTQEDEASLRAFTEAMTRYSAPPGDPPKPEYDLELITSCSSNVSVAHDASGKRVYYLTRDPTTPLARAAWETA
RHTPVNSWLGNIIMYAPTLWARMILMTHFFSILLAQEQLEKALDCQIYGACYSIEPLDLPQIIQRLHGLSAFSLHSYSPG
EINRVASCLRKLGVPPLRVWRHRARSVRARLLSQGGRAATCGKYLFNWAVRTKLKLTPIPAASQLDLSSWFVAGYSGGDI
YHSLSRARPRLEHHHHHH
;
_entity_poly.pdbx_strand_id   A
#
# COMPACT_ATOMS: atom_id res chain seq x y z
N SER A 1 18.18 -3.83 21.32
CA SER A 1 18.87 -2.65 20.82
C SER A 1 17.88 -1.54 20.44
N MET A 2 18.37 -0.29 20.37
CA MET A 2 17.55 0.85 19.99
C MET A 2 17.26 0.75 18.50
N SER A 3 15.99 0.97 18.10
CA SER A 3 15.57 0.97 16.67
C SER A 3 16.39 2.01 15.91
N TYR A 4 16.66 3.17 16.56
CA TYR A 4 17.45 4.25 16.00
C TYR A 4 18.27 4.92 17.09
N THR A 5 19.43 5.42 16.71
CA THR A 5 20.28 6.29 17.54
C THR A 5 20.43 7.53 16.69
N TRP A 6 20.36 8.72 17.30
CA TRP A 6 20.49 9.97 16.55
C TRP A 6 21.74 10.77 16.95
N THR A 7 22.36 11.46 15.98
CA THR A 7 23.53 12.33 16.22
C THR A 7 23.09 13.75 16.63
N GLY A 8 21.87 14.14 16.26
CA GLY A 8 21.37 15.48 16.50
C GLY A 8 21.24 16.31 15.22
N ALA A 9 21.89 15.90 14.10
CA ALA A 9 21.72 16.59 12.82
C ALA A 9 20.24 16.40 12.41
N LEU A 10 19.67 17.42 11.76
CA LEU A 10 18.26 17.42 11.40
C LEU A 10 17.97 16.62 10.14
N ILE A 11 16.71 16.15 10.01
CA ILE A 11 16.22 15.51 8.79
C ILE A 11 15.81 16.73 7.94
N THR A 12 16.52 16.93 6.84
CA THR A 12 16.37 18.13 6.03
C THR A 12 15.59 17.92 4.72
N PRO A 13 14.88 18.97 4.23
CA PRO A 13 14.19 18.82 2.93
C PRO A 13 15.18 18.92 1.78
N CYS A 14 14.77 18.51 0.57
CA CYS A 14 15.65 18.60 -0.60
C CYS A 14 15.16 19.72 -1.54
N ALA A 15 13.93 20.21 -1.27
CA ALA A 15 13.23 21.26 -2.02
C ALA A 15 12.25 21.98 -1.09
N ALA A 16 11.58 23.03 -1.61
CA ALA A 16 10.60 23.78 -0.84
C ALA A 16 9.37 22.90 -0.62
N GLU A 17 8.83 22.93 0.59
CA GLU A 17 7.69 22.11 0.97
C GLU A 17 6.45 22.96 1.16
N GLU A 18 5.43 22.76 0.31
CA GLU A 18 4.17 23.50 0.39
C GLU A 18 3.35 22.93 1.54
N THR A 19 2.63 23.78 2.28
CA THR A 19 1.82 23.34 3.43
C THR A 19 0.31 23.60 3.27
N LYS A 20 -0.06 24.51 2.35
CA LYS A 20 -1.46 24.90 2.18
C LYS A 20 -2.00 24.68 0.78
N LEU A 21 -3.33 24.59 0.67
CA LEU A 21 -4.04 24.48 -0.61
C LEU A 21 -4.05 25.83 -1.32
N PRO A 22 -3.52 25.97 -2.57
CA PRO A 22 -3.57 27.28 -3.23
C PRO A 22 -4.95 27.65 -3.76
N ILE A 23 -5.16 28.95 -4.03
CA ILE A 23 -6.40 29.51 -4.59
C ILE A 23 -6.56 28.91 -6.01
N ASN A 24 -7.58 28.05 -6.21
CA ASN A 24 -7.84 27.35 -7.48
C ASN A 24 -9.35 27.02 -7.63
N ALA A 25 -9.96 27.50 -8.73
CA ALA A 25 -11.38 27.34 -9.06
C ALA A 25 -11.78 25.87 -9.21
N LEU A 26 -10.93 25.07 -9.87
CA LEU A 26 -11.20 23.64 -10.12
C LEU A 26 -11.19 22.85 -8.82
N SER A 27 -10.25 23.18 -7.91
CA SER A 27 -10.11 22.56 -6.58
C SER A 27 -11.28 23.03 -5.66
N ASN A 28 -11.71 24.31 -5.77
CA ASN A 28 -12.82 24.87 -5.00
C ASN A 28 -14.19 24.24 -5.43
N SER A 29 -14.29 23.78 -6.70
CA SER A 29 -15.52 23.11 -7.16
C SER A 29 -15.64 21.70 -6.53
N LEU A 30 -14.53 21.23 -5.93
CA LEU A 30 -14.48 19.96 -5.21
C LEU A 30 -14.79 20.20 -3.74
N LEU A 31 -14.00 21.06 -3.07
CA LEU A 31 -14.24 21.36 -1.66
C LEU A 31 -13.95 22.81 -1.39
N ARG A 32 -14.77 23.45 -0.56
CA ARG A 32 -14.56 24.87 -0.29
C ARG A 32 -13.81 25.15 1.01
N HIS A 33 -13.83 24.21 1.97
CA HIS A 33 -13.14 24.39 3.26
C HIS A 33 -11.63 24.06 3.13
N HIS A 34 -10.96 24.78 2.24
CA HIS A 34 -9.54 24.64 1.87
C HIS A 34 -8.58 24.74 3.05
N ASN A 35 -8.94 25.55 4.08
CA ASN A 35 -8.12 25.76 5.27
C ASN A 35 -7.98 24.52 6.16
N LEU A 36 -8.81 23.50 5.91
CA LEU A 36 -8.76 22.26 6.67
C LEU A 36 -7.71 21.32 6.12
N VAL A 37 -7.25 21.58 4.88
CA VAL A 37 -6.28 20.76 4.16
C VAL A 37 -4.84 21.22 4.41
N TYR A 38 -3.96 20.29 4.77
CA TYR A 38 -2.55 20.60 5.01
C TYR A 38 -1.65 19.49 4.49
N ALA A 39 -0.36 19.80 4.28
CA ALA A 39 0.64 18.79 3.93
C ALA A 39 1.70 18.81 5.02
N THR A 40 2.21 17.64 5.39
CA THR A 40 3.28 17.53 6.39
C THR A 40 4.59 18.03 5.79
N THR A 41 5.54 18.45 6.64
CA THR A 41 6.87 18.91 6.20
C THR A 41 7.93 18.33 7.12
N SER A 42 9.20 18.51 6.73
CA SER A 42 10.36 18.11 7.52
C SER A 42 10.40 18.83 8.89
N ARG A 43 9.66 19.95 9.04
CA ARG A 43 9.59 20.71 10.30
C ARG A 43 9.05 19.90 11.45
N SER A 44 8.26 18.85 11.16
CA SER A 44 7.69 17.96 12.18
C SER A 44 8.44 16.59 12.29
N ALA A 45 9.55 16.45 11.56
CA ALA A 45 10.33 15.19 11.53
C ALA A 45 10.80 14.71 12.91
N SER A 46 11.18 15.64 13.81
CA SER A 46 11.63 15.30 15.17
C SER A 46 10.52 14.69 16.04
N LEU A 47 9.25 15.03 15.77
CA LEU A 47 8.13 14.44 16.51
C LEU A 47 8.01 12.94 16.12
N ARG A 48 8.20 12.64 14.82
CA ARG A 48 8.18 11.27 14.28
C ARG A 48 9.41 10.48 14.76
N GLN A 49 10.61 11.09 14.75
CA GLN A 49 11.83 10.43 15.27
C GLN A 49 11.57 9.94 16.70
N LYS A 50 10.95 10.77 17.57
CA LYS A 50 10.64 10.38 18.96
C LYS A 50 9.76 9.11 19.03
N LYS A 51 8.66 9.07 18.26
CA LYS A 51 7.72 7.96 18.20
C LYS A 51 8.33 6.63 17.73
N VAL A 52 9.22 6.70 16.74
CA VAL A 52 9.82 5.51 16.10
C VAL A 52 11.05 4.97 16.83
N THR A 53 11.59 5.76 17.81
CA THR A 53 12.80 5.44 18.56
C THR A 53 12.46 4.79 19.88
N PHE A 54 12.90 3.51 20.04
CA PHE A 54 12.65 2.75 21.27
C PHE A 54 13.45 1.45 21.26
N ASP A 55 13.68 0.91 22.45
CA ASP A 55 14.42 -0.34 22.61
C ASP A 55 13.49 -1.51 22.32
N ARG A 56 14.04 -2.61 21.78
CA ARG A 56 13.27 -3.83 21.49
C ARG A 56 13.87 -4.93 22.36
N LEU A 57 13.03 -5.64 23.11
CA LEU A 57 13.45 -6.74 23.99
C LEU A 57 12.73 -8.03 23.57
N GLN A 58 13.12 -8.57 22.42
CA GLN A 58 12.49 -9.72 21.79
C GLN A 58 12.84 -11.08 22.43
N VAL A 59 11.81 -11.90 22.74
CA VAL A 59 11.98 -13.25 23.29
C VAL A 59 11.16 -14.24 22.46
N LEU A 60 11.85 -15.23 21.90
CA LEU A 60 11.20 -16.23 21.05
C LEU A 60 10.93 -17.49 21.84
N ASP A 61 10.03 -18.35 21.32
CA ASP A 61 9.67 -19.59 21.97
C ASP A 61 9.47 -20.71 20.96
N ASP A 62 9.07 -21.89 21.44
CA ASP A 62 8.84 -23.08 20.61
C ASP A 62 7.77 -22.87 19.57
N HIS A 63 6.71 -22.12 19.87
CA HIS A 63 5.67 -21.86 18.87
C HIS A 63 6.26 -21.12 17.66
N TYR A 64 7.09 -20.10 17.93
CA TYR A 64 7.76 -19.30 16.90
C TYR A 64 8.69 -20.20 16.08
N ARG A 65 9.50 -21.03 16.76
CA ARG A 65 10.43 -21.94 16.08
C ARG A 65 9.70 -22.95 15.21
N ASP A 66 8.58 -23.49 15.70
CA ASP A 66 7.78 -24.48 14.95
C ASP A 66 7.24 -23.85 13.67
N VAL A 67 6.62 -22.65 13.77
CA VAL A 67 6.07 -21.95 12.59
C VAL A 67 7.18 -21.67 11.57
N LEU A 68 8.35 -21.18 12.06
CA LEU A 68 9.47 -20.88 11.19
C LEU A 68 9.91 -22.11 10.39
N LYS A 69 9.98 -23.29 11.03
CA LYS A 69 10.35 -24.55 10.37
C LYS A 69 9.36 -24.88 9.24
N GLU A 70 8.05 -24.65 9.46
CA GLU A 70 7.02 -24.90 8.44
C GLU A 70 7.22 -23.96 7.25
N MET A 71 7.46 -22.66 7.54
CA MET A 71 7.67 -21.63 6.50
C MET A 71 8.91 -21.94 5.66
N LYS A 72 9.98 -22.40 6.30
CA LYS A 72 11.22 -22.73 5.58
C LYS A 72 11.02 -23.91 4.63
N ALA A 73 10.26 -24.93 5.07
CA ALA A 73 9.94 -26.11 4.27
C ALA A 73 9.14 -25.70 3.01
N LYS A 74 8.20 -24.73 3.16
CA LYS A 74 7.44 -24.23 2.02
C LYS A 74 8.30 -23.34 1.09
N ALA A 75 9.25 -22.57 1.66
CA ALA A 75 10.13 -21.71 0.85
C ALA A 75 11.01 -22.59 -0.05
N SER A 76 11.35 -23.83 0.41
CA SER A 76 12.16 -24.74 -0.41
C SER A 76 11.43 -25.21 -1.69
N THR A 77 10.10 -24.92 -1.82
CA THR A 77 9.32 -25.27 -3.02
C THR A 77 9.31 -24.13 -4.05
N VAL A 78 10.11 -23.05 -3.77
CA VAL A 78 10.21 -21.89 -4.66
C VAL A 78 11.54 -21.93 -5.43
N LYS A 79 11.49 -21.48 -6.68
CA LYS A 79 12.65 -21.31 -7.54
C LYS A 79 12.61 -19.88 -8.04
N ALA A 80 13.69 -19.12 -7.83
CA ALA A 80 13.71 -17.72 -8.27
C ALA A 80 14.91 -17.44 -9.12
N LYS A 81 14.73 -16.60 -10.13
CA LYS A 81 15.80 -16.24 -11.04
C LYS A 81 16.36 -14.88 -10.73
N LEU A 82 17.59 -14.62 -11.21
CA LEU A 82 18.17 -13.31 -11.11
C LEU A 82 17.53 -12.54 -12.26
N LEU A 83 17.19 -11.28 -12.04
CA LEU A 83 16.76 -10.47 -13.17
C LEU A 83 18.04 -9.91 -13.80
N SER A 84 18.03 -9.68 -15.12
CA SER A 84 19.18 -9.04 -15.79
C SER A 84 19.16 -7.54 -15.40
N VAL A 85 20.28 -6.83 -15.63
CA VAL A 85 20.33 -5.36 -15.39
C VAL A 85 19.14 -4.69 -16.14
N GLU A 86 18.90 -5.06 -17.43
CA GLU A 86 17.82 -4.48 -18.26
C GLU A 86 16.42 -4.67 -17.65
N GLU A 87 16.13 -5.88 -17.15
CA GLU A 87 14.86 -6.22 -16.52
C GLU A 87 14.64 -5.38 -15.27
N ALA A 88 15.68 -5.26 -14.43
CA ALA A 88 15.61 -4.46 -13.21
C ALA A 88 15.49 -2.97 -13.54
N CYS A 89 16.18 -2.52 -14.60
CA CYS A 89 16.10 -1.11 -15.02
C CYS A 89 14.66 -0.73 -15.38
N LYS A 90 13.99 -1.58 -16.15
CA LYS A 90 12.62 -1.33 -16.62
C LYS A 90 11.56 -1.31 -15.50
N LEU A 91 11.89 -1.90 -14.31
CA LEU A 91 11.03 -1.90 -13.12
C LEU A 91 11.20 -0.62 -12.32
N THR A 92 12.15 0.25 -12.71
CA THR A 92 12.41 1.50 -11.97
C THR A 92 11.38 2.56 -12.35
N PRO A 93 10.68 3.18 -11.39
CA PRO A 93 9.74 4.25 -11.75
C PRO A 93 10.41 5.48 -12.39
N PRO A 94 9.73 6.18 -13.33
CA PRO A 94 10.35 7.37 -13.97
C PRO A 94 10.71 8.51 -13.02
N HIS A 95 10.07 8.57 -11.84
CA HIS A 95 10.37 9.65 -10.90
C HIS A 95 11.14 9.17 -9.67
N SER A 96 11.73 7.98 -9.77
CA SER A 96 12.57 7.35 -8.72
C SER A 96 13.73 8.33 -8.41
N ALA A 97 14.11 8.46 -7.13
CA ALA A 97 15.18 9.38 -6.69
C ALA A 97 16.50 9.17 -7.45
N ARG A 98 17.09 10.27 -7.98
CA ARG A 98 18.35 10.18 -8.75
C ARG A 98 19.49 9.67 -7.89
N SER A 99 20.47 9.06 -8.54
CA SER A 99 21.68 8.58 -7.89
C SER A 99 22.54 9.76 -7.49
N LYS A 100 23.34 9.58 -6.42
CA LYS A 100 24.35 10.53 -5.97
C LYS A 100 25.51 10.51 -6.98
N PHE A 101 25.59 9.44 -7.82
CA PHE A 101 26.71 9.23 -8.76
C PHE A 101 26.49 9.74 -10.20
N GLY A 102 25.68 10.77 -10.36
CA GLY A 102 25.51 11.47 -11.64
C GLY A 102 24.65 10.86 -12.73
N TYR A 103 23.59 10.14 -12.35
CA TYR A 103 22.61 9.62 -13.32
C TYR A 103 21.28 9.53 -12.58
N GLY A 104 20.18 9.57 -13.32
CA GLY A 104 18.86 9.51 -12.70
C GLY A 104 18.03 8.37 -13.20
N ALA A 105 16.74 8.37 -12.78
CA ALA A 105 15.77 7.38 -13.18
C ALA A 105 15.67 7.25 -14.70
N LYS A 106 15.70 8.38 -15.46
CA LYS A 106 15.62 8.29 -16.93
C LYS A 106 16.77 7.52 -17.57
N ASP A 107 17.97 7.68 -16.99
CA ASP A 107 19.22 7.06 -17.44
C ASP A 107 19.18 5.56 -17.17
N VAL A 108 18.62 5.20 -16.03
CA VAL A 108 18.42 3.80 -15.67
C VAL A 108 17.40 3.18 -16.65
N ARG A 109 16.23 3.82 -16.81
CA ARG A 109 15.18 3.27 -17.69
C ARG A 109 15.58 3.12 -19.14
N ASN A 110 16.41 4.04 -19.63
CA ASN A 110 16.80 4.00 -21.04
C ASN A 110 18.17 3.35 -21.26
N LEU A 111 18.64 2.60 -20.25
CA LEU A 111 19.86 1.78 -20.30
C LEU A 111 21.13 2.55 -20.71
N SER A 112 21.30 3.79 -20.24
CA SER A 112 22.50 4.57 -20.57
C SER A 112 23.77 3.84 -20.05
N SER A 113 24.89 3.87 -20.80
CA SER A 113 26.12 3.19 -20.38
C SER A 113 26.59 3.65 -19.00
N LYS A 114 26.42 4.93 -18.66
CA LYS A 114 26.80 5.46 -17.35
C LYS A 114 26.00 4.76 -16.23
N ALA A 115 24.66 4.64 -16.40
CA ALA A 115 23.82 4.01 -15.38
C ALA A 115 24.11 2.52 -15.28
N VAL A 116 24.16 1.83 -16.42
CA VAL A 116 24.37 0.37 -16.51
C VAL A 116 25.76 -0.04 -15.94
N ASN A 117 26.82 0.71 -16.33
CA ASN A 117 28.16 0.44 -15.80
C ASN A 117 28.23 0.67 -14.32
N HIS A 118 27.55 1.72 -13.81
CA HIS A 118 27.54 1.93 -12.37
C HIS A 118 26.82 0.81 -11.61
N ILE A 119 25.64 0.39 -12.10
CA ILE A 119 24.87 -0.72 -11.52
C ILE A 119 25.70 -2.03 -11.48
N ARG A 120 26.39 -2.36 -12.58
CA ARG A 120 27.26 -3.55 -12.64
C ARG A 120 28.39 -3.49 -11.61
N SER A 121 28.90 -2.28 -11.32
CA SER A 121 29.97 -2.16 -10.30
C SER A 121 29.38 -2.24 -8.90
N VAL A 122 28.13 -1.75 -8.70
CA VAL A 122 27.45 -1.89 -7.40
C VAL A 122 27.23 -3.39 -7.15
N TRP A 123 26.84 -4.13 -8.23
CA TRP A 123 26.60 -5.58 -8.16
C TRP A 123 27.87 -6.34 -7.75
N LYS A 124 28.99 -6.07 -8.45
CA LYS A 124 30.28 -6.73 -8.16
C LYS A 124 30.70 -6.41 -6.71
N ASP A 125 30.46 -5.16 -6.23
CA ASP A 125 30.76 -4.76 -4.85
C ASP A 125 29.98 -5.61 -3.83
N LEU A 126 28.67 -5.90 -4.11
CA LEU A 126 27.83 -6.74 -3.26
C LEU A 126 28.39 -8.16 -3.22
N LEU A 127 28.92 -8.63 -4.33
CA LEU A 127 29.49 -9.98 -4.34
C LEU A 127 30.81 -10.06 -3.58
N GLU A 128 31.63 -9.02 -3.64
CA GLU A 128 32.97 -9.01 -3.06
C GLU A 128 33.05 -8.55 -1.62
N ASP A 129 32.09 -7.74 -1.18
CA ASP A 129 32.07 -7.21 0.17
C ASP A 129 30.71 -7.55 0.77
N THR A 130 30.73 -8.35 1.85
CA THR A 130 29.51 -8.82 2.51
C THR A 130 29.31 -8.17 3.89
N GLU A 131 30.07 -7.09 4.20
CA GLU A 131 30.03 -6.47 5.55
C GLU A 131 29.83 -4.96 5.67
N THR A 132 30.49 -4.16 4.82
CA THR A 132 30.47 -2.69 4.97
C THR A 132 29.06 -2.11 4.94
N PRO A 133 28.62 -1.35 5.95
CA PRO A 133 27.25 -0.79 5.91
C PRO A 133 27.04 0.11 4.68
N ILE A 134 25.89 -0.09 4.00
CA ILE A 134 25.55 0.71 2.82
C ILE A 134 24.87 1.98 3.29
N ASP A 135 25.23 3.13 2.70
CA ASP A 135 24.60 4.39 3.09
C ASP A 135 23.10 4.41 2.75
N THR A 136 22.32 5.16 3.52
CA THR A 136 20.91 5.38 3.23
C THR A 136 20.60 6.84 3.46
N THR A 137 19.58 7.33 2.75
CA THR A 137 19.11 8.68 2.94
C THR A 137 17.85 8.60 3.78
N ILE A 138 17.70 9.53 4.73
CA ILE A 138 16.48 9.64 5.52
C ILE A 138 15.80 10.95 5.10
N MET A 139 14.49 10.89 4.77
CA MET A 139 13.71 12.06 4.33
C MET A 139 12.37 12.06 5.05
N ALA A 140 11.75 13.24 5.17
CA ALA A 140 10.40 13.33 5.72
C ALA A 140 9.47 13.35 4.52
N LYS A 141 8.39 12.54 4.57
CA LYS A 141 7.41 12.49 3.49
C LYS A 141 6.46 13.65 3.60
N ASN A 142 6.09 14.21 2.47
CA ASN A 142 5.11 15.29 2.47
C ASN A 142 3.82 14.62 2.00
N GLU A 143 2.87 14.44 2.92
CA GLU A 143 1.56 13.85 2.59
C GLU A 143 0.48 14.80 3.04
N VAL A 144 -0.64 14.78 2.31
CA VAL A 144 -1.77 15.67 2.54
C VAL A 144 -2.84 14.98 3.42
N PHE A 145 -3.40 15.74 4.37
CA PHE A 145 -4.45 15.27 5.27
C PHE A 145 -5.42 16.40 5.53
N CYS A 146 -6.50 16.10 6.26
CA CYS A 146 -7.49 17.07 6.71
C CYS A 146 -7.32 17.16 8.23
N VAL A 147 -7.35 18.38 8.79
CA VAL A 147 -7.23 18.58 10.23
C VAL A 147 -8.36 17.88 10.98
N GLN A 148 -8.06 17.33 12.15
CA GLN A 148 -9.07 16.69 12.99
C GLN A 148 -8.90 17.17 14.45
N PRO A 149 -9.37 18.41 14.76
CA PRO A 149 -9.16 18.94 16.13
C PRO A 149 -10.08 18.36 17.21
N GLU A 150 -10.08 17.03 17.32
CA GLU A 150 -10.79 16.22 18.30
C GLU A 150 -9.64 15.53 19.01
N LYS A 151 -8.79 14.84 18.21
CA LYS A 151 -7.57 14.18 18.64
C LYS A 151 -6.41 15.18 18.42
N GLY A 152 -6.71 16.44 18.74
CA GLY A 152 -5.84 17.61 18.69
C GLY A 152 -4.97 17.81 17.48
N GLY A 153 -3.66 17.83 17.75
CA GLY A 153 -2.59 18.10 16.81
C GLY A 153 -2.63 17.43 15.44
N ARG A 154 -1.99 18.11 14.47
CA ARG A 154 -1.83 17.65 13.10
C ARG A 154 -0.90 16.47 13.10
N LYS A 155 -0.92 15.67 12.05
CA LYS A 155 -0.04 14.52 11.95
C LYS A 155 1.40 14.91 11.66
N PRO A 156 2.39 14.37 12.39
CA PRO A 156 3.79 14.63 12.03
C PRO A 156 4.09 13.88 10.72
N ALA A 157 5.10 14.34 9.96
CA ALA A 157 5.51 13.69 8.71
C ALA A 157 5.96 12.26 8.98
N ARG A 158 5.76 11.37 7.99
CA ARG A 158 6.28 10.01 8.10
C ARG A 158 7.73 10.10 7.59
N LEU A 159 8.58 9.16 7.99
CA LEU A 159 9.95 9.13 7.52
C LEU A 159 10.14 8.03 6.47
N ILE A 160 11.08 8.22 5.55
CA ILE A 160 11.43 7.21 4.53
C ILE A 160 12.95 7.06 4.52
N VAL A 161 13.43 5.80 4.50
CA VAL A 161 14.86 5.47 4.51
C VAL A 161 15.11 4.60 3.32
N PHE A 162 16.03 5.03 2.45
CA PHE A 162 16.33 4.32 1.21
C PHE A 162 17.78 4.40 0.77
N PRO A 163 18.30 3.32 0.14
CA PRO A 163 19.67 3.39 -0.38
C PRO A 163 19.67 4.10 -1.73
N ASP A 164 20.86 4.28 -2.32
CA ASP A 164 21.05 4.96 -3.62
C ASP A 164 20.42 4.16 -4.74
N LEU A 165 20.02 4.84 -5.83
CA LEU A 165 19.40 4.26 -7.02
C LEU A 165 20.16 3.03 -7.53
N GLY A 166 21.49 3.08 -7.53
CA GLY A 166 22.29 1.96 -8.00
C GLY A 166 22.04 0.70 -7.20
N VAL A 167 22.00 0.85 -5.87
CA VAL A 167 21.71 -0.25 -4.92
C VAL A 167 20.26 -0.73 -5.19
N ARG A 168 19.30 0.21 -5.39
CA ARG A 168 17.88 -0.18 -5.63
C ARG A 168 17.72 -1.08 -6.85
N VAL A 169 18.46 -0.80 -7.94
CA VAL A 169 18.39 -1.63 -9.13
C VAL A 169 18.97 -3.02 -8.78
N CYS A 170 20.09 -3.05 -8.05
CA CYS A 170 20.68 -4.32 -7.61
C CYS A 170 19.74 -5.15 -6.76
N GLU A 171 18.96 -4.51 -5.87
CA GLU A 171 17.98 -5.22 -5.02
C GLU A 171 16.97 -5.96 -5.92
N LYS A 172 16.53 -5.31 -7.02
CA LYS A 172 15.59 -5.92 -7.98
C LYS A 172 16.24 -7.14 -8.67
N MET A 173 17.48 -7.00 -9.16
CA MET A 173 18.20 -8.12 -9.81
C MET A 173 18.23 -9.36 -8.88
N ALA A 174 18.61 -9.16 -7.62
CA ALA A 174 18.71 -10.25 -6.65
C ALA A 174 17.39 -10.79 -6.12
N LEU A 175 16.43 -9.90 -5.82
CA LEU A 175 15.22 -10.27 -5.08
C LEU A 175 13.86 -10.03 -5.71
N TYR A 176 13.77 -9.34 -6.85
CA TYR A 176 12.43 -9.08 -7.40
C TYR A 176 11.63 -10.36 -7.64
N ASP A 177 12.27 -11.36 -8.26
CA ASP A 177 11.61 -12.64 -8.49
C ASP A 177 11.25 -13.35 -7.18
N VAL A 178 12.02 -13.13 -6.08
CA VAL A 178 11.72 -13.72 -4.76
C VAL A 178 10.51 -13.04 -4.13
N VAL A 179 10.54 -11.70 -4.03
CA VAL A 179 9.44 -11.01 -3.36
C VAL A 179 8.08 -11.17 -4.11
N SER A 180 8.12 -11.42 -5.43
N SER A 180 8.12 -11.42 -5.43
CA SER A 180 6.92 -11.58 -6.25
CA SER A 180 6.89 -11.56 -6.23
C SER A 180 6.34 -13.00 -6.25
C SER A 180 6.38 -13.02 -6.34
N THR A 181 7.12 -13.99 -5.76
CA THR A 181 6.69 -15.41 -5.80
C THR A 181 6.71 -16.14 -4.46
N LEU A 182 7.68 -15.82 -3.59
CA LEU A 182 7.82 -16.54 -2.32
C LEU A 182 6.62 -16.42 -1.34
N PRO A 183 6.04 -15.23 -1.06
CA PRO A 183 5.00 -15.17 -0.02
C PRO A 183 3.80 -16.06 -0.27
N GLN A 184 3.36 -16.18 -1.54
CA GLN A 184 2.24 -17.06 -1.92
C GLN A 184 2.61 -18.52 -1.62
N ALA A 185 3.87 -18.92 -1.86
CA ALA A 185 4.25 -20.31 -1.61
C ALA A 185 4.36 -20.64 -0.14
N VAL A 186 4.79 -19.66 0.67
CA VAL A 186 4.97 -19.84 2.10
C VAL A 186 3.67 -19.72 2.90
N MET A 187 2.84 -18.77 2.55
CA MET A 187 1.63 -18.50 3.33
C MET A 187 0.30 -18.85 2.63
N GLY A 188 0.37 -19.28 1.38
CA GLY A 188 -0.82 -19.64 0.60
C GLY A 188 -1.93 -18.60 0.59
N SER A 189 -3.14 -19.04 0.95
CA SER A 189 -4.33 -18.16 0.96
C SER A 189 -4.23 -17.03 2.01
N SER A 190 -3.30 -17.12 2.97
CA SER A 190 -3.09 -16.06 3.98
C SER A 190 -2.35 -14.83 3.39
N TYR A 191 -1.67 -15.00 2.24
CA TYR A 191 -0.90 -13.89 1.64
C TYR A 191 -1.89 -12.88 1.04
N GLY A 192 -2.09 -11.77 1.73
CA GLY A 192 -3.09 -10.79 1.36
C GLY A 192 -2.94 -10.01 0.08
N PHE A 193 -1.70 -9.68 -0.32
CA PHE A 193 -1.46 -8.83 -1.51
C PHE A 193 -1.80 -9.46 -2.85
N GLN A 194 -1.81 -10.80 -2.95
CA GLN A 194 -2.06 -11.44 -4.25
C GLN A 194 -3.49 -11.25 -4.76
N TYR A 195 -4.45 -10.94 -3.86
CA TYR A 195 -5.87 -10.77 -4.22
C TYR A 195 -6.11 -9.40 -4.82
N SER A 196 -7.02 -9.32 -5.82
CA SER A 196 -7.49 -8.05 -6.38
C SER A 196 -8.47 -7.51 -5.30
N PRO A 197 -8.93 -6.25 -5.33
CA PRO A 197 -9.91 -5.81 -4.30
C PRO A 197 -11.19 -6.67 -4.27
N GLY A 198 -11.74 -7.03 -5.45
CA GLY A 198 -12.94 -7.85 -5.54
C GLY A 198 -12.70 -9.25 -5.00
N GLN A 199 -11.53 -9.83 -5.30
CA GLN A 199 -11.20 -11.16 -4.78
C GLN A 199 -11.00 -11.12 -3.27
N ARG A 200 -10.43 -10.01 -2.74
CA ARG A 200 -10.19 -9.86 -1.31
CA ARG A 200 -10.20 -9.83 -1.31
C ARG A 200 -11.49 -9.84 -0.53
N VAL A 201 -12.45 -8.99 -0.94
CA VAL A 201 -13.73 -8.90 -0.21
C VAL A 201 -14.49 -10.25 -0.27
N GLU A 202 -14.43 -10.94 -1.44
CA GLU A 202 -15.10 -12.23 -1.60
C GLU A 202 -14.46 -13.25 -0.64
N PHE A 203 -13.12 -13.28 -0.58
CA PHE A 203 -12.39 -14.19 0.30
C PHE A 203 -12.76 -13.93 1.77
N LEU A 204 -12.77 -12.67 2.17
CA LEU A 204 -13.10 -12.28 3.54
C LEU A 204 -14.49 -12.72 3.90
N VAL A 205 -15.48 -12.41 3.04
CA VAL A 205 -16.88 -12.79 3.32
C VAL A 205 -17.02 -14.33 3.43
N ASN A 206 -16.43 -15.06 2.49
CA ASN A 206 -16.50 -16.52 2.51
C ASN A 206 -15.75 -17.15 3.68
N ALA A 207 -14.57 -16.60 4.08
CA ALA A 207 -13.83 -17.10 5.25
C ALA A 207 -14.66 -16.87 6.53
N TRP A 208 -15.29 -15.69 6.66
CA TRP A 208 -16.15 -15.30 7.78
C TRP A 208 -17.40 -16.19 7.90
N LYS A 209 -18.18 -16.29 6.80
CA LYS A 209 -19.45 -17.02 6.77
C LYS A 209 -19.28 -18.52 6.88
N ALA A 210 -18.07 -19.06 6.56
CA ALA A 210 -17.80 -20.49 6.67
C ALA A 210 -17.68 -20.94 8.14
N LYS A 211 -17.37 -20.00 9.06
CA LYS A 211 -17.26 -20.35 10.49
C LYS A 211 -18.64 -20.67 11.07
N LYS A 212 -18.68 -21.57 12.07
CA LYS A 212 -19.89 -21.89 12.80
C LYS A 212 -20.32 -20.64 13.59
N CYS A 213 -19.37 -20.03 14.33
CA CYS A 213 -19.61 -18.82 15.14
C CYS A 213 -18.37 -17.91 15.05
N PRO A 214 -18.33 -17.03 14.04
CA PRO A 214 -17.09 -16.26 13.83
C PRO A 214 -16.79 -15.16 14.82
N MET A 215 -15.50 -15.00 15.09
CA MET A 215 -14.95 -13.90 15.87
C MET A 215 -13.71 -13.45 15.08
N GLY A 216 -13.54 -12.17 14.93
CA GLY A 216 -12.40 -11.62 14.21
C GLY A 216 -11.82 -10.39 14.84
N PHE A 217 -10.58 -10.01 14.44
CA PHE A 217 -9.94 -8.79 14.96
C PHE A 217 -8.80 -8.36 14.06
N ALA A 218 -8.59 -7.05 13.97
CA ALA A 218 -7.45 -6.45 13.30
C ALA A 218 -6.40 -6.28 14.41
N TYR A 219 -5.16 -6.59 14.10
CA TYR A 219 -4.07 -6.39 15.06
C TYR A 219 -3.13 -5.41 14.42
N ASP A 220 -3.08 -4.20 14.98
CA ASP A 220 -2.21 -3.15 14.46
C ASP A 220 -1.05 -2.91 15.39
N THR A 221 0.14 -3.38 14.99
CA THR A 221 1.39 -3.22 15.74
C THR A 221 1.75 -1.74 15.73
N ARG A 222 2.18 -1.23 16.88
CA ARG A 222 2.62 0.15 16.99
C ARG A 222 3.99 0.26 16.28
N CYS A 223 4.13 1.15 15.26
N CYS A 223 4.09 1.14 15.26
CA CYS A 223 5.39 1.41 14.52
CA CYS A 223 5.29 1.42 14.48
C CYS A 223 6.06 0.10 14.08
C CYS A 223 6.02 0.13 14.10
N PHE A 224 5.36 -0.69 13.27
CA PHE A 224 5.87 -2.01 12.86
C PHE A 224 7.34 -2.02 12.42
N ASP A 225 7.76 -1.14 11.48
CA ASP A 225 9.14 -1.14 10.98
C ASP A 225 10.18 -1.04 12.11
N SER A 226 9.91 -0.19 13.12
CA SER A 226 10.80 -0.01 14.27
C SER A 226 10.85 -1.25 15.17
N THR A 227 9.75 -2.06 15.21
CA THR A 227 9.67 -3.30 16.02
C THR A 227 10.45 -4.45 15.40
N VAL A 228 10.74 -4.35 14.10
CA VAL A 228 11.44 -5.40 13.35
C VAL A 228 12.90 -5.40 13.83
N THR A 229 13.37 -6.54 14.34
CA THR A 229 14.73 -6.68 14.89
C THR A 229 15.75 -7.16 13.88
N GLU A 230 17.05 -7.09 14.26
CA GLU A 230 18.13 -7.60 13.44
C GLU A 230 17.92 -9.10 13.24
N ASN A 231 17.50 -9.82 14.32
CA ASN A 231 17.22 -11.25 14.22
C ASN A 231 16.05 -11.49 13.26
N ASP A 232 14.98 -10.65 13.30
CA ASP A 232 13.83 -10.82 12.36
C ASP A 232 14.30 -10.75 10.91
N ILE A 233 15.23 -9.81 10.63
CA ILE A 233 15.76 -9.58 9.28
C ILE A 233 16.68 -10.74 8.86
N ARG A 234 17.41 -11.33 9.82
CA ARG A 234 18.25 -12.51 9.52
C ARG A 234 17.40 -13.75 9.29
N VAL A 235 16.29 -13.87 10.02
CA VAL A 235 15.31 -14.98 9.87
C VAL A 235 14.68 -14.88 8.49
N GLU A 236 14.31 -13.65 8.08
CA GLU A 236 13.75 -13.38 6.75
C GLU A 236 14.75 -13.84 5.69
N GLU A 237 16.03 -13.50 5.89
CA GLU A 237 17.04 -13.96 4.93
C GLU A 237 17.17 -15.49 4.92
N SER A 238 17.03 -16.18 6.07
CA SER A 238 17.12 -17.65 6.11
C SER A 238 15.98 -18.26 5.30
N ILE A 239 14.82 -17.56 5.27
CA ILE A 239 13.65 -18.00 4.46
C ILE A 239 13.96 -17.85 2.96
N TYR A 240 14.52 -16.69 2.56
CA TYR A 240 14.92 -16.43 1.16
C TYR A 240 15.91 -17.45 0.69
N GLN A 241 16.89 -17.83 1.53
CA GLN A 241 17.94 -18.80 1.17
C GLN A 241 17.42 -20.23 1.00
N CYS A 242 16.19 -20.52 1.49
CA CYS A 242 15.55 -21.83 1.28
C CYS A 242 15.13 -22.02 -0.18
N CYS A 243 14.95 -20.90 -0.94
CA CYS A 243 14.59 -20.95 -2.34
C CYS A 243 15.71 -21.57 -3.15
N ASP A 244 15.35 -22.12 -4.30
CA ASP A 244 16.34 -22.61 -5.24
C ASP A 244 16.77 -21.33 -6.00
N LEU A 245 18.01 -20.87 -5.73
CA LEU A 245 18.56 -19.62 -6.25
C LEU A 245 19.89 -19.83 -6.95
N ALA A 246 20.25 -18.90 -7.83
CA ALA A 246 21.54 -18.93 -8.54
C ALA A 246 22.62 -18.54 -7.51
N PRO A 247 23.87 -19.08 -7.63
CA PRO A 247 24.93 -18.73 -6.66
C PRO A 247 25.13 -17.23 -6.42
N GLU A 248 25.12 -16.40 -7.49
CA GLU A 248 25.28 -14.95 -7.34
C GLU A 248 24.15 -14.32 -6.58
N ALA A 249 22.92 -14.84 -6.78
CA ALA A 249 21.75 -14.35 -6.06
C ALA A 249 21.92 -14.62 -4.59
N ARG A 250 22.34 -15.84 -4.20
CA ARG A 250 22.57 -16.19 -2.80
C ARG A 250 23.59 -15.25 -2.16
N GLN A 251 24.70 -14.99 -2.86
CA GLN A 251 25.75 -14.07 -2.38
C GLN A 251 25.22 -12.63 -2.24
N ALA A 252 24.48 -12.11 -3.26
CA ALA A 252 23.94 -10.75 -3.20
C ALA A 252 22.90 -10.60 -2.11
N ILE A 253 22.09 -11.63 -1.88
CA ILE A 253 21.05 -11.57 -0.81
C ILE A 253 21.72 -11.55 0.57
N ARG A 254 22.76 -12.38 0.76
CA ARG A 254 23.52 -12.36 2.04
C ARG A 254 24.14 -10.97 2.26
N SER A 255 24.76 -10.41 1.21
CA SER A 255 25.41 -9.10 1.27
C SER A 255 24.40 -7.98 1.53
N LEU A 256 23.27 -7.97 0.80
CA LEU A 256 22.23 -6.95 1.04
C LEU A 256 21.66 -7.06 2.45
N THR A 257 21.53 -8.28 2.97
CA THR A 257 21.02 -8.46 4.33
C THR A 257 21.96 -7.85 5.35
N GLU A 258 23.23 -8.27 5.34
CA GLU A 258 24.23 -7.79 6.30
C GLU A 258 24.56 -6.30 6.16
N ARG A 259 24.63 -5.80 4.91
CA ARG A 259 25.03 -4.42 4.67
C ARG A 259 23.92 -3.40 4.65
N LEU A 260 22.71 -3.81 4.26
CA LEU A 260 21.59 -2.87 4.14
C LEU A 260 20.38 -3.22 4.97
N TYR A 261 19.85 -4.44 4.83
CA TYR A 261 18.57 -4.75 5.48
C TYR A 261 18.61 -4.77 6.99
N ILE A 262 19.67 -5.30 7.61
CA ILE A 262 19.75 -5.32 9.09
C ILE A 262 19.91 -3.94 9.73
N GLY A 263 20.43 -2.99 8.98
CA GLY A 263 20.67 -1.65 9.48
C GLY A 263 21.77 -0.93 8.74
N GLY A 264 22.04 0.30 9.15
CA GLY A 264 23.07 1.12 8.51
C GLY A 264 22.97 2.59 8.86
N PRO A 265 23.95 3.39 8.39
CA PRO A 265 23.95 4.83 8.72
C PRO A 265 22.86 5.60 7.96
N LEU A 266 22.35 6.64 8.59
CA LEU A 266 21.31 7.54 8.06
C LEU A 266 21.96 8.88 7.72
N THR A 267 21.82 9.30 6.48
CA THR A 267 22.34 10.56 5.93
C THR A 267 21.18 11.46 5.48
N ASN A 268 21.20 12.75 5.83
CA ASN A 268 20.16 13.65 5.37
C ASN A 268 20.42 14.13 3.94
N SER A 269 19.54 15.00 3.41
CA SER A 269 19.65 15.58 2.06
C SER A 269 20.90 16.46 1.92
N LYS A 270 21.42 17.00 3.05
CA LYS A 270 22.63 17.86 3.06
C LYS A 270 23.95 17.06 3.12
N GLY A 271 23.86 15.73 3.26
CA GLY A 271 25.04 14.87 3.33
C GLY A 271 25.59 14.68 4.74
N GLN A 272 24.83 15.17 5.76
CA GLN A 272 25.18 15.07 7.19
C GLN A 272 24.73 13.75 7.78
N ASN A 273 25.55 13.18 8.69
CA ASN A 273 25.23 11.92 9.38
C ASN A 273 24.19 12.18 10.44
N CYS A 274 22.97 11.63 10.25
CA CYS A 274 21.83 11.77 11.16
C CYS A 274 21.79 10.74 12.25
N GLY A 275 22.35 9.56 12.00
CA GLY A 275 22.32 8.50 12.99
C GLY A 275 22.46 7.10 12.43
N TYR A 276 21.93 6.13 13.15
CA TYR A 276 22.03 4.71 12.76
C TYR A 276 20.73 3.96 12.96
N ARG A 277 20.38 3.11 12.01
CA ARG A 277 19.15 2.31 12.03
C ARG A 277 19.45 0.85 12.36
N ARG A 278 18.69 0.24 13.26
CA ARG A 278 18.84 -1.20 13.60
C ARG A 278 17.47 -1.89 13.45
N CYS A 279 16.69 -1.44 12.47
CA CYS A 279 15.34 -1.95 12.26
C CYS A 279 15.03 -1.96 10.76
N ARG A 280 13.78 -2.30 10.40
CA ARG A 280 13.41 -2.32 8.99
C ARG A 280 13.57 -0.95 8.34
N ALA A 281 14.22 -0.90 7.16
CA ALA A 281 14.26 0.32 6.33
C ALA A 281 12.90 0.37 5.63
N SER A 282 12.20 1.51 5.68
CA SER A 282 10.89 1.66 5.04
C SER A 282 10.94 1.72 3.52
N GLY A 283 12.09 2.10 2.95
CA GLY A 283 12.23 2.23 1.51
C GLY A 283 13.17 1.25 0.84
N VAL A 284 13.06 -0.04 1.19
CA VAL A 284 13.89 -1.08 0.52
C VAL A 284 12.97 -2.02 -0.23
N LEU A 285 13.51 -2.79 -1.19
CA LEU A 285 12.64 -3.63 -1.99
C LEU A 285 11.84 -4.63 -1.14
N THR A 286 12.50 -5.22 -0.15
CA THR A 286 11.97 -6.24 0.77
C THR A 286 11.08 -5.70 1.90
N THR A 287 10.79 -4.42 1.95
CA THR A 287 9.96 -3.89 3.05
C THR A 287 8.61 -4.62 3.15
N SER A 288 7.85 -4.65 2.03
CA SER A 288 6.52 -5.30 1.99
CA SER A 288 6.52 -5.27 2.08
C SER A 288 6.58 -6.80 2.23
N CYS A 289 7.43 -7.50 1.49
CA CYS A 289 7.56 -8.94 1.61
C CYS A 289 8.12 -9.34 3.00
N GLY A 290 9.15 -8.65 3.47
CA GLY A 290 9.75 -8.89 4.78
C GLY A 290 8.72 -8.64 5.87
N ASN A 291 7.98 -7.50 5.80
CA ASN A 291 6.94 -7.25 6.81
C ASN A 291 5.87 -8.33 6.78
N THR A 292 5.46 -8.78 5.60
CA THR A 292 4.41 -9.82 5.53
C THR A 292 4.88 -11.12 6.17
N LEU A 293 6.09 -11.61 5.79
CA LEU A 293 6.64 -12.84 6.35
C LEU A 293 6.78 -12.72 7.89
N THR A 294 7.30 -11.59 8.38
CA THR A 294 7.53 -11.39 9.82
C THR A 294 6.23 -11.29 10.57
N CYS A 295 5.29 -10.51 10.05
CA CYS A 295 3.99 -10.37 10.69
C CYS A 295 3.25 -11.73 10.73
N TYR A 296 3.28 -12.50 9.60
CA TYR A 296 2.65 -13.82 9.53
C TYR A 296 3.31 -14.77 10.55
N LEU A 297 4.64 -14.82 10.58
CA LEU A 297 5.38 -15.72 11.47
C LEU A 297 4.99 -15.47 12.94
N LYS A 298 5.05 -14.19 13.35
CA LYS A 298 4.69 -13.80 14.71
C LYS A 298 3.22 -14.11 15.02
N ALA A 299 2.29 -13.74 14.13
CA ALA A 299 0.85 -13.99 14.33
C ALA A 299 0.48 -15.46 14.38
N ALA A 300 1.03 -16.28 13.46
CA ALA A 300 0.74 -17.73 13.45
C ALA A 300 1.21 -18.38 14.77
N ALA A 301 2.40 -17.97 15.26
CA ALA A 301 2.94 -18.47 16.52
C ALA A 301 2.08 -17.97 17.70
N ALA A 302 1.64 -16.70 17.67
CA ALA A 302 0.81 -16.12 18.74
C ALA A 302 -0.60 -16.78 18.78
N CYS A 303 -1.15 -17.18 17.58
CA CYS A 303 -2.41 -17.92 17.50
C CYS A 303 -2.28 -19.22 18.29
N ARG A 304 -1.16 -19.94 18.10
CA ARG A 304 -0.89 -21.20 18.83
C ARG A 304 -0.76 -20.93 20.33
N ALA A 305 0.02 -19.91 20.71
CA ALA A 305 0.24 -19.52 22.12
C ALA A 305 -1.08 -19.16 22.79
N ALA A 306 -1.98 -18.46 22.06
CA ALA A 306 -3.30 -18.02 22.56
C ALA A 306 -4.39 -19.12 22.50
N LYS A 307 -4.11 -20.27 21.86
CA LYS A 307 -5.06 -21.39 21.68
C LYS A 307 -6.35 -20.96 20.95
N LEU A 308 -6.21 -20.02 19.99
CA LEU A 308 -7.34 -19.56 19.21
C LEU A 308 -7.73 -20.69 18.28
N GLN A 309 -9.03 -20.88 18.13
CA GLN A 309 -9.57 -22.00 17.36
C GLN A 309 -9.76 -21.66 15.91
N ASP A 310 -9.19 -22.51 15.03
CA ASP A 310 -9.31 -22.37 13.59
C ASP A 310 -8.89 -20.99 13.08
N CYS A 311 -7.70 -20.53 13.49
CA CYS A 311 -7.12 -19.24 13.09
C CYS A 311 -7.03 -19.17 11.57
N THR A 312 -7.66 -18.15 10.97
CA THR A 312 -7.62 -17.85 9.53
C THR A 312 -7.08 -16.46 9.45
N MET A 313 -5.90 -16.29 8.86
CA MET A 313 -5.25 -14.98 8.82
C MET A 313 -5.16 -14.39 7.44
N LEU A 314 -5.27 -13.06 7.36
CA LEU A 314 -5.05 -12.31 6.13
C LEU A 314 -3.97 -11.29 6.47
N VAL A 315 -2.83 -11.40 5.77
CA VAL A 315 -1.66 -10.56 6.06
C VAL A 315 -1.26 -9.74 4.85
N CYS A 316 -1.20 -8.41 5.01
CA CYS A 316 -0.71 -7.46 4.01
C CYS A 316 0.39 -6.63 4.72
N GLY A 317 1.64 -7.07 4.62
CA GLY A 317 2.74 -6.39 5.32
C GLY A 317 2.48 -6.35 6.82
N ASP A 318 2.38 -5.14 7.37
CA ASP A 318 2.13 -4.99 8.81
C ASP A 318 0.64 -5.01 9.20
N ASP A 319 -0.24 -5.07 8.20
CA ASP A 319 -1.68 -5.10 8.46
C ASP A 319 -2.12 -6.56 8.58
N LEU A 320 -2.67 -6.89 9.73
CA LEU A 320 -3.10 -8.24 10.06
C LEU A 320 -4.55 -8.31 10.48
N VAL A 321 -5.28 -9.29 9.95
CA VAL A 321 -6.64 -9.62 10.38
C VAL A 321 -6.70 -11.11 10.69
N VAL A 322 -7.25 -11.46 11.86
CA VAL A 322 -7.40 -12.85 12.28
C VAL A 322 -8.89 -13.13 12.42
N ILE A 323 -9.36 -14.21 11.79
CA ILE A 323 -10.76 -14.66 11.88
C ILE A 323 -10.67 -16.06 12.50
N CYS A 324 -11.46 -16.33 13.53
CA CYS A 324 -11.41 -17.64 14.18
C CYS A 324 -12.80 -18.10 14.60
N GLU A 325 -12.88 -19.29 15.22
CA GLU A 325 -14.10 -19.85 15.79
C GLU A 325 -14.19 -19.34 17.20
N SER A 326 -15.29 -18.67 17.53
CA SER A 326 -15.48 -18.13 18.88
C SER A 326 -15.60 -19.27 19.89
N ALA A 327 -15.04 -19.05 21.09
CA ALA A 327 -15.08 -20.00 22.21
C ALA A 327 -15.99 -19.45 23.31
N GLY A 328 -16.70 -18.36 23.00
CA GLY A 328 -17.55 -17.63 23.92
C GLY A 328 -16.96 -16.27 24.22
N THR A 329 -17.77 -15.27 24.57
CA THR A 329 -17.32 -13.88 24.80
C THR A 329 -16.15 -13.77 25.79
N GLN A 330 -16.28 -14.30 27.02
CA GLN A 330 -15.21 -14.19 28.01
C GLN A 330 -13.94 -14.93 27.60
N GLU A 331 -14.09 -16.13 27.03
CA GLU A 331 -12.99 -16.98 26.54
C GLU A 331 -12.25 -16.26 25.39
N ASP A 332 -13.00 -15.58 24.49
CA ASP A 332 -12.41 -14.84 23.37
C ASP A 332 -11.61 -13.63 23.87
N GLU A 333 -12.11 -12.93 24.89
CA GLU A 333 -11.40 -11.80 25.48
C GLU A 333 -10.08 -12.26 26.11
N ALA A 334 -10.08 -13.40 26.82
CA ALA A 334 -8.88 -13.97 27.44
C ALA A 334 -7.89 -14.41 26.36
N SER A 335 -8.38 -15.06 25.29
CA SER A 335 -7.55 -15.51 24.18
C SER A 335 -6.89 -14.34 23.47
N LEU A 336 -7.61 -13.21 23.33
CA LEU A 336 -7.02 -12.03 22.66
C LEU A 336 -5.91 -11.41 23.48
N ARG A 337 -6.07 -11.40 24.82
CA ARG A 337 -5.02 -10.88 25.70
C ARG A 337 -3.80 -11.77 25.60
N ALA A 338 -4.00 -13.10 25.46
CA ALA A 338 -2.88 -14.03 25.37
C ALA A 338 -2.17 -13.85 24.00
N PHE A 339 -2.94 -13.55 22.95
CA PHE A 339 -2.40 -13.31 21.61
C PHE A 339 -1.50 -12.07 21.66
N THR A 340 -2.02 -10.97 22.25
CA THR A 340 -1.31 -9.70 22.39
C THR A 340 -0.02 -9.89 23.21
N GLU A 341 -0.08 -10.65 24.32
CA GLU A 341 1.09 -10.91 25.15
C GLU A 341 2.17 -11.66 24.34
N ALA A 342 1.73 -12.62 23.52
CA ALA A 342 2.65 -13.40 22.69
C ALA A 342 3.27 -12.49 21.62
N MET A 343 2.44 -11.68 20.93
CA MET A 343 2.93 -10.74 19.91
C MET A 343 3.93 -9.77 20.58
N THR A 344 3.61 -9.26 21.79
CA THR A 344 4.49 -8.32 22.52
C THR A 344 5.87 -8.93 22.81
N ARG A 345 5.91 -10.20 23.28
CA ARG A 345 7.19 -10.90 23.53
C ARG A 345 8.04 -10.97 22.25
N TYR A 346 7.39 -11.24 21.10
CA TYR A 346 8.00 -11.34 19.77
C TYR A 346 8.40 -9.99 19.19
N SER A 347 8.21 -8.88 19.94
CA SER A 347 8.55 -7.53 19.53
C SER A 347 7.57 -7.05 18.45
N ALA A 348 6.27 -7.12 18.78
CA ALA A 348 5.20 -6.60 17.94
C ALA A 348 4.05 -6.21 18.89
N PRO A 349 4.27 -5.22 19.81
CA PRO A 349 3.18 -4.82 20.71
C PRO A 349 2.14 -4.00 19.93
N PRO A 350 0.86 -3.91 20.35
CA PRO A 350 -0.09 -3.15 19.53
C PRO A 350 -0.13 -1.67 19.86
N GLY A 351 -0.68 -0.89 18.93
CA GLY A 351 -0.90 0.53 19.12
C GLY A 351 -2.04 0.67 20.12
N ASP A 352 -3.18 0.09 19.77
CA ASP A 352 -4.39 -0.02 20.57
C ASP A 352 -4.62 -1.52 20.74
N PRO A 353 -4.99 -2.01 21.96
CA PRO A 353 -5.22 -3.45 22.13
C PRO A 353 -6.33 -3.94 21.19
N PRO A 354 -6.18 -5.13 20.57
CA PRO A 354 -7.24 -5.59 19.66
C PRO A 354 -8.54 -5.85 20.40
N LYS A 355 -9.65 -5.67 19.70
CA LYS A 355 -10.94 -5.95 20.32
C LYS A 355 -11.64 -7.06 19.53
N PRO A 356 -12.22 -8.06 20.20
CA PRO A 356 -12.93 -9.11 19.44
C PRO A 356 -14.17 -8.53 18.75
N GLU A 357 -14.36 -8.90 17.48
CA GLU A 357 -15.50 -8.45 16.69
C GLU A 357 -16.34 -9.62 16.23
N TYR A 358 -17.67 -9.47 16.32
CA TYR A 358 -18.59 -10.54 15.94
C TYR A 358 -19.44 -10.19 14.72
N ASP A 359 -19.15 -9.02 14.12
CA ASP A 359 -19.78 -8.50 12.91
C ASP A 359 -18.61 -8.12 11.96
N LEU A 360 -18.54 -8.79 10.80
CA LEU A 360 -17.49 -8.58 9.80
C LEU A 360 -17.33 -7.13 9.39
N GLU A 361 -18.45 -6.42 9.21
CA GLU A 361 -18.48 -5.01 8.78
C GLU A 361 -17.89 -4.04 9.80
N LEU A 362 -17.72 -4.48 11.05
CA LEU A 362 -17.16 -3.63 12.11
C LEU A 362 -15.67 -3.81 12.29
N ILE A 363 -15.02 -4.62 11.42
CA ILE A 363 -13.57 -4.77 11.49
C ILE A 363 -12.94 -3.75 10.56
N THR A 364 -11.88 -3.06 11.00
CA THR A 364 -11.17 -2.11 10.11
C THR A 364 -9.74 -2.56 9.96
N SER A 365 -9.24 -2.61 8.72
CA SER A 365 -7.84 -2.97 8.45
C SER A 365 -7.45 -2.30 7.15
N CYS A 366 -6.21 -1.76 7.08
CA CYS A 366 -5.75 -0.98 5.90
C CYS A 366 -6.72 0.22 5.68
N SER A 367 -7.26 0.76 6.79
CA SER A 367 -8.22 1.88 6.84
C SER A 367 -9.57 1.51 6.21
N SER A 368 -9.73 0.22 5.84
CA SER A 368 -10.93 -0.23 5.14
C SER A 368 -11.84 -1.14 5.90
N ASN A 369 -13.13 -1.21 5.45
CA ASN A 369 -14.13 -2.09 6.01
C ASN A 369 -15.04 -2.61 4.90
N VAL A 370 -15.67 -3.75 5.15
CA VAL A 370 -16.60 -4.41 4.26
C VAL A 370 -17.94 -3.70 4.40
N SER A 371 -18.59 -3.35 3.28
CA SER A 371 -19.95 -2.78 3.32
C SER A 371 -20.79 -3.50 2.27
N VAL A 372 -22.09 -3.26 2.25
CA VAL A 372 -22.98 -3.98 1.35
C VAL A 372 -23.84 -3.02 0.52
N ALA A 373 -24.14 -3.45 -0.69
CA ALA A 373 -25.06 -2.74 -1.59
C ALA A 373 -25.72 -3.78 -2.48
N HIS A 374 -26.56 -3.32 -3.41
CA HIS A 374 -27.22 -4.20 -4.39
C HIS A 374 -26.92 -3.68 -5.80
N ASP A 375 -26.86 -4.55 -6.82
CA ASP A 375 -26.54 -4.11 -8.18
C ASP A 375 -27.77 -3.99 -9.08
N ALA A 376 -27.54 -3.73 -10.40
CA ALA A 376 -28.60 -3.52 -11.40
C ALA A 376 -29.58 -4.68 -11.49
N SER A 377 -29.12 -5.88 -11.13
CA SER A 377 -29.91 -7.10 -11.19
C SER A 377 -30.52 -7.43 -9.83
N GLY A 378 -30.37 -6.55 -8.83
CA GLY A 378 -30.88 -6.74 -7.48
C GLY A 378 -30.09 -7.69 -6.61
N LYS A 379 -28.90 -8.11 -7.07
CA LYS A 379 -28.01 -9.03 -6.36
C LYS A 379 -27.25 -8.29 -5.22
N ARG A 380 -27.08 -8.95 -4.08
CA ARG A 380 -26.37 -8.40 -2.92
C ARG A 380 -24.88 -8.45 -3.27
N VAL A 381 -24.18 -7.33 -3.04
CA VAL A 381 -22.76 -7.20 -3.38
C VAL A 381 -22.02 -6.66 -2.18
N TYR A 382 -20.94 -7.36 -1.78
CA TYR A 382 -20.03 -6.91 -0.74
C TYR A 382 -18.88 -6.15 -1.41
N TYR A 383 -18.38 -5.09 -0.77
CA TYR A 383 -17.27 -4.33 -1.35
C TYR A 383 -16.50 -3.64 -0.22
N LEU A 384 -15.25 -3.26 -0.49
CA LEU A 384 -14.44 -2.57 0.51
C LEU A 384 -14.52 -1.10 0.34
N THR A 385 -14.65 -0.41 1.46
CA THR A 385 -14.73 1.06 1.45
C THR A 385 -13.83 1.62 2.56
N ARG A 386 -13.79 2.95 2.69
CA ARG A 386 -13.03 3.62 3.74
C ARG A 386 -13.63 5.02 3.92
N ASP A 387 -13.21 5.70 4.98
CA ASP A 387 -13.58 7.09 5.18
C ASP A 387 -13.01 7.94 3.97
N PRO A 388 -13.83 8.79 3.34
CA PRO A 388 -13.37 9.50 2.13
C PRO A 388 -12.60 10.80 2.32
N THR A 389 -12.39 11.24 3.57
CA THR A 389 -11.74 12.53 3.86
C THR A 389 -10.33 12.66 3.24
N THR A 390 -9.41 11.73 3.57
CA THR A 390 -8.04 11.79 3.06
C THR A 390 -8.06 11.68 1.50
N PRO A 391 -8.75 10.70 0.87
CA PRO A 391 -8.82 10.69 -0.60
C PRO A 391 -9.31 12.02 -1.21
N LEU A 392 -10.37 12.64 -0.64
CA LEU A 392 -10.88 13.90 -1.21
C LEU A 392 -9.94 15.08 -0.97
N ALA A 393 -9.30 15.16 0.23
CA ALA A 393 -8.36 16.26 0.53
C ALA A 393 -7.18 16.16 -0.45
N ARG A 394 -6.67 14.94 -0.69
CA ARG A 394 -5.59 14.70 -1.65
C ARG A 394 -6.03 15.01 -3.06
N ALA A 395 -7.29 14.64 -3.42
CA ALA A 395 -7.83 14.92 -4.74
C ALA A 395 -7.87 16.46 -5.00
N ALA A 396 -8.24 17.26 -3.99
CA ALA A 396 -8.29 18.73 -4.12
C ALA A 396 -6.88 19.30 -4.23
N TRP A 397 -5.93 18.75 -3.45
CA TRP A 397 -4.53 19.19 -3.50
C TRP A 397 -3.94 18.91 -4.88
N GLU A 398 -4.16 17.68 -5.40
CA GLU A 398 -3.62 17.24 -6.70
C GLU A 398 -4.30 17.91 -7.89
N THR A 399 -5.47 18.51 -7.67
CA THR A 399 -6.18 19.29 -8.70
C THR A 399 -5.46 20.66 -8.82
N ALA A 400 -5.13 21.26 -7.66
CA ALA A 400 -4.48 22.59 -7.56
C ALA A 400 -2.96 22.58 -7.78
N ARG A 401 -2.28 21.46 -7.45
CA ARG A 401 -0.83 21.36 -7.58
C ARG A 401 -0.46 20.10 -8.35
N HIS A 402 0.50 20.22 -9.31
CA HIS A 402 0.91 19.05 -10.08
C HIS A 402 1.63 18.04 -9.19
N THR A 403 1.23 16.78 -9.30
CA THR A 403 1.83 15.71 -8.51
C THR A 403 2.30 14.61 -9.46
N PRO A 404 3.60 14.33 -9.50
CA PRO A 404 4.13 13.31 -10.41
C PRO A 404 3.54 11.90 -10.23
N VAL A 405 3.21 11.52 -8.99
CA VAL A 405 2.62 10.22 -8.67
C VAL A 405 1.36 10.55 -7.89
N ASN A 406 0.20 10.50 -8.58
CA ASN A 406 -1.04 10.94 -7.93
C ASN A 406 -1.66 9.88 -7.03
N SER A 407 -2.68 10.27 -6.23
CA SER A 407 -3.41 9.30 -5.38
C SER A 407 -4.85 9.09 -5.87
N TRP A 408 -5.46 10.10 -6.53
CA TRP A 408 -6.87 10.05 -6.97
C TRP A 408 -7.18 8.90 -7.95
N LEU A 409 -6.25 8.62 -8.85
CA LEU A 409 -6.46 7.56 -9.83
C LEU A 409 -6.38 6.17 -9.19
N GLY A 410 -5.42 5.98 -8.29
CA GLY A 410 -5.28 4.73 -7.53
C GLY A 410 -6.51 4.56 -6.65
N ASN A 411 -6.99 5.66 -6.04
CA ASN A 411 -8.20 5.61 -5.22
C ASN A 411 -9.43 5.23 -6.02
N ILE A 412 -9.61 5.78 -7.23
CA ILE A 412 -10.74 5.40 -8.09
C ILE A 412 -10.61 3.91 -8.39
N ILE A 413 -9.41 3.42 -8.71
CA ILE A 413 -9.21 1.98 -9.05
C ILE A 413 -9.52 1.05 -7.87
N MET A 414 -8.92 1.33 -6.71
CA MET A 414 -9.10 0.50 -5.51
C MET A 414 -10.50 0.61 -4.89
N TYR A 415 -11.13 1.80 -4.99
CA TYR A 415 -12.42 2.03 -4.36
C TYR A 415 -13.54 2.33 -5.37
N ALA A 416 -13.43 1.81 -6.60
CA ALA A 416 -14.42 1.99 -7.68
C ALA A 416 -15.90 1.75 -7.29
N PRO A 417 -16.26 0.70 -6.49
CA PRO A 417 -17.69 0.47 -6.17
C PRO A 417 -18.28 1.48 -5.18
N THR A 418 -17.43 2.23 -4.47
CA THR A 418 -17.86 3.15 -3.38
C THR A 418 -18.71 4.32 -3.84
N LEU A 419 -19.61 4.75 -2.98
CA LEU A 419 -20.46 5.87 -3.24
C LEU A 419 -19.65 7.15 -3.53
N TRP A 420 -18.59 7.39 -2.72
CA TRP A 420 -17.75 8.58 -2.84
C TRP A 420 -16.84 8.53 -4.06
N ALA A 421 -16.25 7.35 -4.39
CA ALA A 421 -15.40 7.37 -5.60
C ALA A 421 -16.24 7.59 -6.86
N ARG A 422 -17.46 7.01 -6.91
CA ARG A 422 -18.33 7.16 -8.07
C ARG A 422 -18.92 8.57 -8.21
N MET A 423 -19.51 9.06 -7.13
CA MET A 423 -20.22 10.34 -7.19
C MET A 423 -19.29 11.52 -7.40
N ILE A 424 -18.16 11.52 -6.66
CA ILE A 424 -17.22 12.63 -6.64
C ILE A 424 -15.98 12.43 -7.49
N LEU A 425 -15.12 11.45 -7.15
CA LEU A 425 -13.83 11.32 -7.82
C LEU A 425 -13.92 11.13 -9.30
N MET A 426 -14.76 10.19 -9.75
CA MET A 426 -14.88 9.95 -11.19
C MET A 426 -15.42 11.22 -11.89
N THR A 427 -16.49 11.80 -11.36
CA THR A 427 -17.14 12.99 -11.97
C THR A 427 -16.16 14.17 -12.08
N HIS A 428 -15.45 14.45 -10.99
CA HIS A 428 -14.52 15.58 -10.92
C HIS A 428 -13.39 15.43 -11.92
N PHE A 429 -12.71 14.26 -11.89
CA PHE A 429 -11.54 14.07 -12.74
C PHE A 429 -11.88 13.83 -14.19
N PHE A 430 -13.01 13.15 -14.49
CA PHE A 430 -13.36 13.04 -15.91
C PHE A 430 -13.74 14.39 -16.51
N SER A 431 -14.33 15.27 -15.72
CA SER A 431 -14.70 16.61 -16.20
C SER A 431 -13.46 17.41 -16.62
N ILE A 432 -12.41 17.36 -15.78
CA ILE A 432 -11.13 18.06 -16.02
C ILE A 432 -10.37 17.47 -17.21
N LEU A 433 -10.22 16.15 -17.23
CA LEU A 433 -9.52 15.45 -18.32
C LEU A 433 -10.17 15.73 -19.67
N LEU A 434 -11.52 15.72 -19.71
CA LEU A 434 -12.31 15.98 -20.92
C LEU A 434 -12.00 17.40 -21.40
N ALA A 435 -12.16 18.40 -20.52
CA ALA A 435 -11.94 19.82 -20.82
C ALA A 435 -10.50 20.11 -21.25
N GLN A 436 -9.54 19.39 -20.68
CA GLN A 436 -8.13 19.58 -21.00
C GLN A 436 -7.62 18.65 -22.10
N GLU A 437 -8.49 17.85 -22.73
CA GLU A 437 -8.12 16.89 -23.80
C GLU A 437 -7.00 15.95 -23.35
N GLN A 438 -7.11 15.44 -22.10
CA GLN A 438 -6.06 14.58 -21.52
C GLN A 438 -6.54 13.18 -21.15
N LEU A 439 -7.67 12.71 -21.72
CA LEU A 439 -8.19 11.38 -21.41
C LEU A 439 -7.19 10.28 -21.77
N GLU A 440 -6.43 10.50 -22.86
CA GLU A 440 -5.46 9.52 -23.40
C GLU A 440 -4.08 9.57 -22.74
N LYS A 441 -3.81 10.60 -21.92
CA LYS A 441 -2.50 10.74 -21.30
C LYS A 441 -2.33 9.83 -20.09
N ALA A 442 -1.40 8.87 -20.19
CA ALA A 442 -1.15 7.94 -19.08
C ALA A 442 -0.59 8.69 -17.87
N LEU A 443 -1.08 8.34 -16.68
CA LEU A 443 -0.67 8.97 -15.43
C LEU A 443 -0.10 7.97 -14.45
N ASP A 444 0.93 8.40 -13.68
CA ASP A 444 1.53 7.55 -12.64
C ASP A 444 0.67 7.60 -11.38
N CYS A 445 0.34 6.44 -10.83
CA CYS A 445 -0.50 6.32 -9.64
C CYS A 445 0.00 5.13 -8.83
N GLN A 446 -0.54 4.92 -7.65
CA GLN A 446 -0.12 3.81 -6.82
C GLN A 446 -1.26 2.86 -6.47
N ILE A 447 -0.97 1.55 -6.61
CA ILE A 447 -1.89 0.48 -6.25
C ILE A 447 -1.08 -0.47 -5.37
N TYR A 448 -1.54 -0.69 -4.12
CA TYR A 448 -0.89 -1.50 -3.11
C TYR A 448 0.57 -1.00 -2.93
N GLY A 449 0.74 0.32 -2.97
CA GLY A 449 2.04 0.97 -2.77
C GLY A 449 3.07 0.90 -3.87
N ALA A 450 2.77 0.26 -5.01
CA ALA A 450 3.69 0.19 -6.13
C ALA A 450 3.17 1.17 -7.20
N CYS A 451 4.04 1.61 -8.11
CA CYS A 451 3.70 2.62 -9.11
C CYS A 451 3.21 2.04 -10.44
N TYR A 452 2.07 2.56 -10.94
CA TYR A 452 1.49 2.12 -12.22
C TYR A 452 1.26 3.28 -13.18
N SER A 453 1.53 3.07 -14.46
CA SER A 453 1.24 4.07 -15.48
C SER A 453 -0.09 3.62 -16.12
N ILE A 454 -1.14 4.43 -15.94
CA ILE A 454 -2.48 4.08 -16.39
C ILE A 454 -3.14 5.20 -17.17
N GLU A 455 -3.74 4.85 -18.30
CA GLU A 455 -4.51 5.82 -19.09
C GLU A 455 -5.93 5.83 -18.51
N PRO A 456 -6.45 7.03 -18.16
CA PRO A 456 -7.82 7.11 -17.64
C PRO A 456 -8.85 6.42 -18.52
N LEU A 457 -8.61 6.35 -19.85
CA LEU A 457 -9.56 5.68 -20.78
C LEU A 457 -9.75 4.19 -20.53
N ASP A 458 -8.77 3.55 -19.88
CA ASP A 458 -8.87 2.13 -19.58
C ASP A 458 -9.58 1.85 -18.27
N LEU A 459 -10.01 2.89 -17.53
CA LEU A 459 -10.65 2.67 -16.23
C LEU A 459 -11.86 1.70 -16.24
N PRO A 460 -12.81 1.75 -17.20
CA PRO A 460 -13.91 0.77 -17.17
C PRO A 460 -13.39 -0.69 -17.23
N GLN A 461 -12.41 -0.97 -18.10
CA GLN A 461 -11.86 -2.32 -18.23
C GLN A 461 -11.15 -2.74 -16.94
N ILE A 462 -10.35 -1.83 -16.34
CA ILE A 462 -9.63 -2.10 -15.08
C ILE A 462 -10.63 -2.39 -13.97
N ILE A 463 -11.65 -1.53 -13.84
CA ILE A 463 -12.69 -1.69 -12.80
C ILE A 463 -13.43 -3.04 -12.99
N GLN A 464 -13.80 -3.37 -14.24
CA GLN A 464 -14.48 -4.65 -14.45
C GLN A 464 -13.61 -5.83 -13.99
N ARG A 465 -12.33 -5.82 -14.39
CA ARG A 465 -11.43 -6.90 -13.99
C ARG A 465 -11.20 -6.98 -12.47
N LEU A 466 -11.06 -5.84 -11.79
CA LEU A 466 -10.74 -5.84 -10.37
C LEU A 466 -11.94 -5.98 -9.44
N HIS A 467 -13.14 -5.55 -9.86
CA HIS A 467 -14.32 -5.53 -8.99
C HIS A 467 -15.53 -6.26 -9.54
N GLY A 468 -15.56 -6.43 -10.87
CA GLY A 468 -16.72 -7.03 -11.51
C GLY A 468 -17.65 -5.97 -12.04
N LEU A 469 -18.54 -6.38 -12.93
CA LEU A 469 -19.50 -5.52 -13.59
C LEU A 469 -20.43 -4.81 -12.60
N SER A 470 -20.68 -5.43 -11.44
CA SER A 470 -21.58 -4.84 -10.43
C SER A 470 -21.11 -3.47 -9.91
N ALA A 471 -19.79 -3.18 -10.00
CA ALA A 471 -19.18 -1.91 -9.55
C ALA A 471 -19.83 -0.70 -10.24
N PHE A 472 -20.38 -0.89 -11.46
CA PHE A 472 -21.01 0.18 -12.23
C PHE A 472 -22.50 0.35 -11.94
N SER A 473 -23.08 -0.41 -10.99
CA SER A 473 -24.53 -0.29 -10.77
C SER A 473 -24.99 -0.43 -9.32
N LEU A 474 -24.08 -0.21 -8.35
CA LEU A 474 -24.47 -0.35 -6.94
C LEU A 474 -25.44 0.75 -6.50
N HIS A 475 -26.46 0.36 -5.74
CA HIS A 475 -27.49 1.24 -5.17
C HIS A 475 -27.80 0.67 -3.79
N SER A 476 -28.67 1.33 -3.00
CA SER A 476 -28.99 0.85 -1.66
C SER A 476 -27.74 0.71 -0.80
N TYR A 477 -26.93 1.77 -0.80
CA TYR A 477 -25.77 1.85 0.08
C TYR A 477 -26.26 1.84 1.51
N SER A 478 -25.44 1.31 2.42
CA SER A 478 -25.85 1.18 3.83
C SER A 478 -26.06 2.55 4.49
N PRO A 479 -26.91 2.66 5.54
CA PRO A 479 -27.03 3.96 6.25
C PRO A 479 -25.70 4.46 6.84
N GLY A 480 -24.89 3.53 7.38
CA GLY A 480 -23.59 3.86 7.97
C GLY A 480 -22.66 4.46 6.94
N GLU A 481 -22.66 3.90 5.74
CA GLU A 481 -21.83 4.41 4.63
C GLU A 481 -22.35 5.76 4.12
N ILE A 482 -23.66 5.90 3.94
CA ILE A 482 -24.31 7.16 3.54
C ILE A 482 -23.88 8.27 4.55
N ASN A 483 -23.98 7.98 5.85
CA ASN A 483 -23.62 8.96 6.89
C ASN A 483 -22.19 9.34 6.88
N ARG A 484 -21.29 8.37 6.63
CA ARG A 484 -19.86 8.67 6.60
C ARG A 484 -19.52 9.59 5.43
N VAL A 485 -20.14 9.36 4.26
CA VAL A 485 -19.91 10.23 3.10
C VAL A 485 -20.53 11.62 3.37
N ALA A 486 -21.80 11.66 3.85
CA ALA A 486 -22.51 12.95 4.14
C ALA A 486 -21.75 13.80 5.14
N SER A 487 -21.14 13.15 6.17
CA SER A 487 -20.34 13.85 7.17
C SER A 487 -19.12 14.48 6.48
N CYS A 488 -18.47 13.74 5.58
CA CYS A 488 -17.31 14.26 4.85
C CYS A 488 -17.68 15.46 3.97
N LEU A 489 -18.84 15.38 3.25
CA LEU A 489 -19.36 16.49 2.42
C LEU A 489 -19.55 17.73 3.29
N ARG A 490 -20.16 17.56 4.46
CA ARG A 490 -20.40 18.66 5.43
C ARG A 490 -19.07 19.25 5.90
N LYS A 491 -18.16 18.38 6.37
CA LYS A 491 -16.86 18.80 6.91
C LYS A 491 -16.01 19.55 5.88
N LEU A 492 -15.85 18.96 4.69
CA LEU A 492 -14.99 19.56 3.68
C LEU A 492 -15.63 20.65 2.81
N GLY A 493 -16.96 20.78 2.88
CA GLY A 493 -17.71 21.76 2.07
C GLY A 493 -17.74 21.33 0.61
N VAL A 494 -18.15 20.07 0.39
CA VAL A 494 -18.25 19.46 -0.93
C VAL A 494 -19.68 19.67 -1.47
N PRO A 495 -19.88 19.97 -2.78
CA PRO A 495 -21.26 20.10 -3.29
C PRO A 495 -22.11 18.83 -3.08
N PRO A 496 -23.46 18.99 -3.03
CA PRO A 496 -24.34 17.85 -2.74
C PRO A 496 -24.56 16.94 -3.96
N LEU A 497 -25.29 15.84 -3.75
CA LEU A 497 -25.66 14.83 -4.76
C LEU A 497 -26.22 15.46 -6.04
N ARG A 498 -27.19 16.40 -5.94
CA ARG A 498 -27.80 17.01 -7.14
C ARG A 498 -26.78 17.63 -8.05
N VAL A 499 -25.77 18.30 -7.48
CA VAL A 499 -24.70 18.97 -8.23
C VAL A 499 -23.81 17.94 -8.95
N TRP A 500 -23.41 16.87 -8.23
CA TRP A 500 -22.59 15.82 -8.86
C TRP A 500 -23.34 15.12 -9.96
N ARG A 501 -24.67 14.92 -9.77
CA ARG A 501 -25.50 14.26 -10.79
C ARG A 501 -25.55 15.12 -12.06
N HIS A 502 -25.74 16.45 -11.91
CA HIS A 502 -25.74 17.38 -13.06
C HIS A 502 -24.40 17.34 -13.81
N ARG A 503 -23.29 17.41 -13.05
CA ARG A 503 -21.95 17.39 -13.62
C ARG A 503 -21.69 16.06 -14.34
N ALA A 504 -22.12 14.94 -13.72
CA ALA A 504 -21.93 13.61 -14.31
C ALA A 504 -22.73 13.42 -15.59
N ARG A 505 -23.96 13.95 -15.64
CA ARG A 505 -24.83 13.86 -16.85
C ARG A 505 -24.12 14.56 -18.02
N SER A 506 -23.56 15.75 -17.77
CA SER A 506 -22.83 16.55 -18.76
C SER A 506 -21.55 15.84 -19.26
N VAL A 507 -20.73 15.35 -18.32
CA VAL A 507 -19.49 14.58 -18.60
C VAL A 507 -19.84 13.32 -19.46
N ARG A 508 -20.89 12.58 -19.06
CA ARG A 508 -21.32 11.37 -19.76
C ARG A 508 -21.71 11.67 -21.20
N ALA A 509 -22.52 12.73 -21.42
CA ALA A 509 -22.93 13.11 -22.78
C ALA A 509 -21.72 13.41 -23.68
N ARG A 510 -20.73 14.14 -23.15
CA ARG A 510 -19.52 14.47 -23.92
C ARG A 510 -18.66 13.25 -24.23
N LEU A 511 -18.50 12.35 -23.24
CA LEU A 511 -17.70 11.12 -23.44
C LEU A 511 -18.33 10.22 -24.48
N LEU A 512 -19.66 10.03 -24.40
CA LEU A 512 -20.39 9.17 -25.37
C LEU A 512 -20.21 9.67 -26.80
N SER A 513 -20.22 11.00 -26.96
CA SER A 513 -20.07 11.58 -28.28
C SER A 513 -18.68 11.36 -28.88
N GLN A 514 -17.65 11.10 -28.06
CA GLN A 514 -16.31 10.87 -28.58
C GLN A 514 -16.14 9.46 -29.15
N GLY A 515 -17.01 8.54 -28.76
CA GLY A 515 -16.97 7.15 -29.21
C GLY A 515 -15.80 6.43 -28.58
N GLY A 516 -15.58 5.17 -29.02
CA GLY A 516 -14.46 4.33 -28.59
C GLY A 516 -14.34 4.17 -27.08
N ARG A 517 -13.09 4.22 -26.54
CA ARG A 517 -12.89 4.06 -25.11
C ARG A 517 -13.53 5.17 -24.28
N ALA A 518 -13.55 6.40 -24.81
CA ALA A 518 -14.21 7.51 -24.08
C ALA A 518 -15.71 7.21 -23.87
N ALA A 519 -16.37 6.66 -24.91
CA ALA A 519 -17.79 6.31 -24.83
C ALA A 519 -18.03 5.20 -23.78
N THR A 520 -17.09 4.22 -23.66
CA THR A 520 -17.18 3.18 -22.61
C THR A 520 -17.12 3.86 -21.24
N CYS A 521 -16.26 4.89 -21.07
CA CYS A 521 -16.21 5.63 -19.80
C CYS A 521 -17.54 6.27 -19.49
N GLY A 522 -18.11 7.00 -20.44
CA GLY A 522 -19.42 7.64 -20.25
C GLY A 522 -20.51 6.63 -19.91
N LYS A 523 -20.62 5.56 -20.71
CA LYS A 523 -21.63 4.53 -20.55
C LYS A 523 -21.56 3.78 -19.19
N TYR A 524 -20.37 3.31 -18.81
CA TYR A 524 -20.22 2.49 -17.61
C TYR A 524 -20.04 3.28 -16.35
N LEU A 525 -19.10 4.23 -16.34
CA LEU A 525 -18.82 4.97 -15.10
C LEU A 525 -19.96 5.82 -14.63
N PHE A 526 -20.73 6.39 -15.57
CA PHE A 526 -21.74 7.38 -15.21
C PHE A 526 -23.17 6.94 -15.51
N ASN A 527 -23.40 5.63 -15.66
CA ASN A 527 -24.77 5.10 -15.88
C ASN A 527 -25.71 5.45 -14.70
N TRP A 528 -25.16 5.63 -13.48
CA TRP A 528 -25.93 6.03 -12.29
C TRP A 528 -26.62 7.40 -12.47
N ALA A 529 -26.04 8.29 -13.30
CA ALA A 529 -26.50 9.66 -13.45
C ALA A 529 -27.73 9.85 -14.34
N VAL A 530 -28.08 8.83 -15.12
CA VAL A 530 -29.20 8.96 -16.06
C VAL A 530 -30.42 8.15 -15.64
N ARG A 531 -31.60 8.67 -15.98
CA ARG A 531 -32.91 8.07 -15.69
C ARG A 531 -33.08 6.84 -16.59
N THR A 532 -32.83 7.00 -17.89
CA THR A 532 -32.94 5.93 -18.88
C THR A 532 -31.54 5.32 -19.02
N LYS A 533 -31.27 4.32 -18.15
CA LYS A 533 -30.00 3.60 -18.06
C LYS A 533 -29.74 2.71 -19.26
N LEU A 534 -28.46 2.61 -19.67
CA LEU A 534 -28.04 1.71 -20.73
C LEU A 534 -27.79 0.34 -20.09
N LYS A 535 -27.82 -0.74 -20.90
CA LYS A 535 -27.60 -2.09 -20.38
C LYS A 535 -26.11 -2.35 -20.29
N LEU A 536 -25.62 -2.62 -19.06
CA LEU A 536 -24.20 -2.83 -18.87
C LEU A 536 -23.84 -4.31 -18.97
N THR A 537 -23.12 -4.65 -20.03
CA THR A 537 -22.71 -6.02 -20.35
C THR A 537 -21.20 -6.11 -20.20
N PRO A 538 -20.60 -7.32 -20.05
CA PRO A 538 -19.12 -7.39 -19.95
C PRO A 538 -18.44 -6.70 -21.14
N ILE A 539 -17.42 -5.87 -20.87
CA ILE A 539 -16.67 -5.11 -21.89
C ILE A 539 -15.74 -6.11 -22.58
N PRO A 540 -15.88 -6.38 -23.90
CA PRO A 540 -15.00 -7.38 -24.55
C PRO A 540 -13.50 -7.13 -24.43
N ALA A 541 -13.07 -5.89 -24.52
CA ALA A 541 -11.65 -5.58 -24.43
C ALA A 541 -11.02 -5.80 -23.04
N ALA A 542 -11.84 -5.91 -21.96
CA ALA A 542 -11.31 -6.05 -20.59
C ALA A 542 -10.37 -7.21 -20.40
N SER A 543 -10.64 -8.38 -21.03
CA SER A 543 -9.77 -9.54 -20.90
C SER A 543 -8.40 -9.34 -21.59
N GLN A 544 -8.22 -8.25 -22.37
CA GLN A 544 -6.96 -7.92 -23.03
C GLN A 544 -5.93 -7.40 -22.06
N LEU A 545 -6.36 -6.79 -20.95
CA LEU A 545 -5.40 -6.20 -20.00
C LEU A 545 -4.49 -7.25 -19.39
N ASP A 546 -3.16 -7.04 -19.47
CA ASP A 546 -2.25 -8.02 -18.88
C ASP A 546 -2.02 -7.59 -17.43
N LEU A 547 -2.73 -8.24 -16.48
CA LEU A 547 -2.60 -7.92 -15.05
C LEU A 547 -1.80 -8.98 -14.29
N SER A 548 -1.11 -9.89 -15.03
CA SER A 548 -0.34 -10.97 -14.41
C SER A 548 0.77 -10.47 -13.49
N SER A 549 1.32 -9.29 -13.77
CA SER A 549 2.40 -8.73 -12.95
C SER A 549 1.90 -7.73 -11.92
N TRP A 550 0.56 -7.61 -11.76
CA TRP A 550 0.00 -6.64 -10.82
C TRP A 550 0.01 -7.13 -9.39
N PHE A 551 -0.25 -6.20 -8.44
CA PHE A 551 -0.45 -6.43 -7.02
C PHE A 551 0.82 -6.81 -6.21
N VAL A 552 2.04 -6.59 -6.77
CA VAL A 552 3.28 -6.79 -6.00
C VAL A 552 3.39 -5.52 -5.12
N ALA A 553 3.32 -5.67 -3.79
CA ALA A 553 3.31 -4.50 -2.91
C ALA A 553 4.63 -3.71 -2.87
N GLY A 554 4.51 -2.39 -2.86
CA GLY A 554 5.69 -1.52 -2.88
C GLY A 554 5.89 -0.66 -1.65
N TYR A 555 5.00 -0.77 -0.63
CA TYR A 555 5.13 0.04 0.60
C TYR A 555 6.51 -0.17 1.28
N SER A 556 7.17 0.89 1.82
CA SER A 556 6.72 2.30 1.75
C SER A 556 7.55 3.09 0.70
N GLY A 557 8.50 2.42 0.05
CA GLY A 557 9.38 3.03 -0.95
C GLY A 557 8.72 3.34 -2.28
N GLY A 558 7.74 2.51 -2.65
CA GLY A 558 7.02 2.63 -3.91
C GLY A 558 7.92 2.57 -5.14
N ASP A 559 9.06 1.80 -5.05
CA ASP A 559 10.07 1.77 -6.12
C ASP A 559 9.92 0.63 -7.12
N ILE A 560 8.68 0.29 -7.48
CA ILE A 560 8.38 -0.77 -8.48
C ILE A 560 7.45 -0.11 -9.51
N TYR A 561 7.75 -0.31 -10.79
CA TYR A 561 6.96 0.28 -11.85
C TYR A 561 6.39 -0.69 -12.85
N HIS A 562 5.13 -0.48 -13.23
CA HIS A 562 4.49 -1.22 -14.30
C HIS A 562 3.63 -0.30 -15.16
N SER A 563 3.81 -0.39 -16.46
CA SER A 563 3.00 0.38 -17.40
C SER A 563 1.90 -0.54 -17.89
N LEU A 564 0.64 -0.05 -17.86
CA LEU A 564 -0.47 -0.87 -18.34
C LEU A 564 -0.56 -0.83 -19.85
#